data_5CTU
#
_entry.id   5CTU
#
_cell.length_a   142.660
_cell.length_b   55.650
_cell.length_c   51.140
_cell.angle_alpha   90.000
_cell.angle_beta   101.010
_cell.angle_gamma   90.000
#
_symmetry.space_group_name_H-M   'C 1 2 1'
#
loop_
_entity.id
_entity.type
_entity.pdbx_description
1 polymer 'DNA gyrase subunit B'
2 non-polymer (4S)-2-METHYL-2,4-PENTANEDIOL
3 non-polymer 'CHLORIDE ION'
4 non-polymer 5-(thiophen-2-yl)thieno[2,3-d]pyrimidin-4(1H)-one
5 non-polymer 'MAGNESIUM ION'
6 water water
#
_entity_poly.entity_id   1
_entity_poly.type   'polypeptide(L)'
_entity_poly.pdbx_seq_one_letter_code
;GSVTALSDVNNTDNYGAGQIQVLEGLEAVRKRPGMYIGSTSERGLHHLVWEIVDNSIDEALAGYANQIEVVIEKDNWIKV
TDNGRGIPVDIQEKMGRPAVEVILTSSVVNALSQDLEVYVHRNETIYHQAYKKGVPQFDLKEVGTTDKTGTVIRFKADGE
IFTETTVYNYETLQQRIRELAFLNKGIQITLRDERDEENVREDSYHYEGGIK
;
_entity_poly.pdbx_strand_id   A,B
#
# COMPACT_ATOMS: atom_id res chain seq x y z
N ALA A 17 -5.63 -3.67 -2.13
CA ALA A 17 -4.85 -4.96 -2.00
C ALA A 17 -3.98 -4.92 -0.75
N GLY A 18 -3.36 -3.78 -0.48
CA GLY A 18 -2.63 -3.56 0.77
C GLY A 18 -3.43 -3.79 2.06
N GLN A 19 -4.61 -3.19 2.20
CA GLN A 19 -5.47 -3.41 3.40
C GLN A 19 -6.06 -4.86 3.47
N ILE A 20 -6.38 -5.42 2.32
CA ILE A 20 -6.75 -6.82 2.25
C ILE A 20 -5.58 -7.72 2.71
N GLN A 21 -4.34 -7.42 2.29
CA GLN A 21 -3.21 -8.21 2.75
C GLN A 21 -3.03 -8.03 4.27
N VAL A 22 -3.32 -6.84 4.79
CA VAL A 22 -3.36 -6.61 6.26
C VAL A 22 -4.26 -7.63 6.95
N LEU A 23 -5.52 -7.64 6.56
CA LEU A 23 -6.45 -8.49 7.16
C LEU A 23 -6.12 -9.97 7.08
N GLU A 24 -5.60 -10.41 5.94
CA GLU A 24 -5.18 -11.78 5.80
C GLU A 24 -4.01 -12.10 6.72
N GLY A 25 -3.14 -11.13 6.95
CA GLY A 25 -2.06 -11.35 7.87
C GLY A 25 -2.48 -11.51 9.30
N LEU A 26 -3.45 -10.72 9.70
CA LEU A 26 -3.94 -10.82 11.10
C LEU A 26 -4.63 -12.20 11.25
N GLU A 27 -5.40 -12.62 10.26
CA GLU A 27 -6.07 -13.93 10.31
C GLU A 27 -5.02 -15.07 10.46
N ALA A 28 -3.88 -15.00 9.73
CA ALA A 28 -2.83 -15.99 9.78
C ALA A 28 -2.19 -16.08 11.11
N VAL A 29 -1.83 -14.93 11.67
CA VAL A 29 -1.25 -14.89 13.01
C VAL A 29 -2.16 -15.50 14.08
N ARG A 30 -3.44 -15.16 14.05
CA ARG A 30 -4.35 -15.60 15.10
C ARG A 30 -4.76 -17.08 14.90
N LYS A 31 -4.56 -17.61 13.70
CA LYS A 31 -4.85 -19.01 13.45
C LYS A 31 -3.69 -19.94 13.97
N ARG A 32 -2.44 -19.52 13.85
CA ARG A 32 -1.28 -20.31 14.26
C ARG A 32 -0.31 -19.52 15.05
N PRO A 33 -0.80 -19.02 16.22
CA PRO A 33 0.05 -18.06 16.90
C PRO A 33 1.30 -18.63 17.40
N GLY A 34 1.29 -19.93 17.77
CA GLY A 34 2.54 -20.56 18.16
C GLY A 34 3.64 -20.63 17.11
N MET A 35 3.25 -20.65 15.82
CA MET A 35 4.26 -20.54 14.78
C MET A 35 4.96 -19.17 14.74
N TYR A 36 4.32 -18.12 15.27
CA TYR A 36 4.90 -16.79 15.28
C TYR A 36 5.65 -16.45 16.51
N ILE A 37 5.16 -16.91 17.68
CA ILE A 37 5.75 -16.55 18.96
C ILE A 37 6.27 -17.71 19.81
N GLY A 38 6.28 -18.94 19.26
CA GLY A 38 6.83 -20.06 19.95
C GLY A 38 5.81 -20.92 20.65
N SER A 39 4.85 -20.28 21.31
CA SER A 39 3.85 -20.96 22.12
C SER A 39 2.83 -19.96 22.56
N THR A 40 1.70 -20.47 23.04
CA THR A 40 0.72 -19.66 23.65
C THR A 40 0.64 -19.82 25.17
N SER A 41 1.69 -20.42 25.71
CA SER A 41 1.83 -20.65 27.12
C SER A 41 2.29 -19.36 27.80
N GLU A 42 2.64 -19.41 29.08
CA GLU A 42 3.20 -18.28 29.75
C GLU A 42 4.44 -17.74 29.01
N ARG A 43 5.24 -18.61 28.38
CA ARG A 43 6.46 -18.14 27.67
C ARG A 43 6.06 -17.27 26.47
N GLY A 44 5.06 -17.68 25.75
CA GLY A 44 4.55 -16.85 24.62
C GLY A 44 3.94 -15.57 25.09
N LEU A 45 3.28 -15.57 26.23
CA LEU A 45 2.75 -14.29 26.77
C LEU A 45 3.85 -13.26 26.97
N HIS A 46 4.92 -13.70 27.62
CA HIS A 46 6.06 -12.82 27.85
C HIS A 46 6.76 -12.44 26.57
N HIS A 47 6.78 -13.32 25.61
CA HIS A 47 7.32 -13.00 24.30
C HIS A 47 6.74 -11.72 23.71
N LEU A 48 5.48 -11.45 23.94
CA LEU A 48 4.81 -10.22 23.44
C LEU A 48 5.61 -9.01 23.94
N VAL A 49 5.97 -8.99 25.21
CA VAL A 49 6.75 -7.90 25.73
C VAL A 49 8.06 -7.76 25.00
N TRP A 50 8.72 -8.89 24.82
CA TRP A 50 10.09 -8.87 24.19
C TRP A 50 10.05 -8.34 22.77
N GLU A 51 8.98 -8.59 22.07
CA GLU A 51 8.84 -8.12 20.68
C GLU A 51 8.74 -6.61 20.66
N ILE A 52 8.00 -6.03 21.61
CA ILE A 52 7.82 -4.57 21.62
C ILE A 52 9.08 -3.92 22.12
N VAL A 53 9.64 -4.44 23.21
CA VAL A 53 10.90 -3.92 23.75
C VAL A 53 11.98 -3.96 22.71
N ASP A 54 12.08 -5.02 21.95
CA ASP A 54 13.14 -5.12 20.93
C ASP A 54 13.03 -3.98 19.90
N ASN A 55 11.82 -3.60 19.56
CA ASN A 55 11.64 -2.46 18.58
C ASN A 55 12.23 -1.20 19.25
N SER A 56 11.98 -0.98 20.51
CA SER A 56 12.53 0.21 21.16
C SER A 56 14.04 0.15 21.30
N ILE A 57 14.56 -1.05 21.55
CA ILE A 57 16.00 -1.21 21.56
C ILE A 57 16.65 -0.89 20.19
N ASP A 58 16.00 -1.26 19.11
CA ASP A 58 16.53 -0.92 17.77
C ASP A 58 16.64 0.56 17.59
N GLU A 59 15.61 1.25 18.08
CA GLU A 59 15.57 2.73 18.04
C GLU A 59 16.71 3.36 18.84
N ALA A 60 17.08 2.79 19.99
CA ALA A 60 18.22 3.21 20.75
C ALA A 60 19.50 2.92 20.02
N LEU A 61 19.59 1.73 19.45
CA LEU A 61 20.79 1.36 18.69
C LEU A 61 21.04 2.22 17.51
N ALA A 62 19.98 2.74 16.92
CA ALA A 62 20.05 3.65 15.76
C ALA A 62 20.54 5.01 16.16
N GLY A 63 20.59 5.33 17.49
CA GLY A 63 21.06 6.56 18.01
C GLY A 63 20.02 7.54 18.47
N TYR A 64 18.76 7.11 18.52
CA TYR A 64 17.66 8.03 18.78
C TYR A 64 16.92 7.98 20.10
N ALA A 65 17.06 6.88 20.80
CA ALA A 65 16.42 6.67 22.13
C ALA A 65 17.44 6.28 23.14
N ASN A 66 17.17 6.60 24.40
CA ASN A 66 17.99 6.09 25.47
C ASN A 66 17.26 5.71 26.73
N GLN A 67 15.93 5.69 26.68
CA GLN A 67 15.13 5.33 27.87
C GLN A 67 13.92 4.54 27.35
N ILE A 68 13.71 3.42 28.00
CA ILE A 68 12.61 2.49 27.75
C ILE A 68 11.98 2.19 29.10
N GLU A 69 10.63 2.25 29.17
CA GLU A 69 9.90 1.93 30.40
C GLU A 69 8.85 0.88 30.07
N VAL A 70 8.87 -0.19 30.88
CA VAL A 70 7.89 -1.27 30.81
C VAL A 70 7.11 -1.21 32.09
N VAL A 71 5.78 -1.11 31.92
CA VAL A 71 4.83 -1.02 33.09
C VAL A 71 3.82 -2.18 32.97
N ILE A 72 3.69 -2.98 34.02
CA ILE A 72 2.56 -3.93 34.16
C ILE A 72 1.44 -3.16 34.82
N GLU A 73 0.39 -2.87 34.07
CA GLU A 73 -0.73 -2.04 34.56
C GLU A 73 -1.80 -2.96 35.08
N LYS A 74 -2.73 -2.31 35.81
CA LYS A 74 -3.93 -3.01 36.23
C LYS A 74 -4.50 -3.90 35.14
N ASP A 75 -4.91 -5.07 35.54
CA ASP A 75 -5.51 -6.08 34.68
CA ASP A 75 -5.46 -6.15 34.74
C ASP A 75 -4.52 -6.64 33.67
N ASN A 76 -3.22 -6.54 33.95
CA ASN A 76 -2.22 -7.16 33.07
C ASN A 76 -2.26 -6.56 31.71
N TRP A 77 -2.47 -5.22 31.60
CA TRP A 77 -2.05 -4.47 30.40
C TRP A 77 -0.53 -4.26 30.60
N ILE A 78 0.17 -4.16 29.45
CA ILE A 78 1.56 -3.82 29.43
C ILE A 78 1.66 -2.47 28.74
N LYS A 79 2.47 -1.56 29.24
CA LYS A 79 2.75 -0.26 28.57
C LYS A 79 4.24 -0.18 28.38
N VAL A 80 4.66 0.01 27.11
CA VAL A 80 6.09 0.21 26.83
C VAL A 80 6.21 1.61 26.23
N THR A 81 7.14 2.37 26.79
CA THR A 81 7.38 3.74 26.38
C THR A 81 8.85 3.87 26.06
N ASP A 82 9.16 4.53 24.93
CA ASP A 82 10.55 4.94 24.63
C ASP A 82 10.58 6.42 24.25
N ASN A 83 11.76 6.95 24.31
CA ASN A 83 11.98 8.37 23.92
C ASN A 83 12.68 8.48 22.56
N GLY A 84 12.41 7.62 21.65
CA GLY A 84 12.90 7.72 20.30
C GLY A 84 12.24 8.76 19.46
N ARG A 85 12.33 8.61 18.16
CA ARG A 85 11.76 9.61 17.25
C ARG A 85 10.26 9.70 17.19
N GLY A 86 9.63 8.69 17.70
CA GLY A 86 8.17 8.53 17.41
C GLY A 86 8.01 7.71 16.17
N ILE A 87 7.10 6.72 16.16
CA ILE A 87 6.85 6.01 14.94
C ILE A 87 6.32 7.03 13.92
N PRO A 88 6.77 6.96 12.64
CA PRO A 88 6.34 7.96 11.72
C PRO A 88 4.85 7.92 11.47
N VAL A 89 4.32 9.10 11.13
CA VAL A 89 2.88 9.25 10.90
C VAL A 89 2.47 9.73 9.52
N ASP A 90 3.46 9.89 8.64
CA ASP A 90 3.23 10.38 7.29
C ASP A 90 2.49 9.34 6.49
N ILE A 91 1.69 9.77 5.53
CA ILE A 91 0.93 8.89 4.71
C ILE A 91 1.84 8.18 3.75
N GLN A 92 1.70 6.86 3.71
CA GLN A 92 2.50 6.01 2.83
C GLN A 92 2.15 5.93 1.36
N GLU A 93 3.20 5.73 0.56
CA GLU A 93 3.07 5.35 -0.84
C GLU A 93 2.19 4.13 -0.93
N LYS A 94 2.65 3.05 -0.29
CA LYS A 94 2.11 1.68 -0.47
C LYS A 94 0.67 1.52 0.00
N MET A 95 0.43 1.92 1.26
CA MET A 95 -0.86 1.68 1.89
C MET A 95 -1.81 2.88 1.82
N GLY A 96 -1.30 4.11 1.58
CA GLY A 96 -2.18 5.29 1.61
C GLY A 96 -2.71 5.54 3.05
N ARG A 97 -2.03 4.94 4.03
CA ARG A 97 -2.41 4.98 5.45
C ARG A 97 -1.18 5.55 6.13
N PRO A 98 -1.36 6.14 7.36
CA PRO A 98 -0.23 6.57 8.10
C PRO A 98 0.75 5.41 8.37
N ALA A 99 2.02 5.74 8.32
CA ALA A 99 3.09 4.73 8.49
C ALA A 99 2.96 3.98 9.80
N VAL A 100 2.57 4.67 10.89
CA VAL A 100 2.42 3.97 12.21
C VAL A 100 1.29 2.92 12.10
N GLU A 101 0.22 3.23 11.41
CA GLU A 101 -0.81 2.26 11.26
C GLU A 101 -0.34 1.04 10.47
N VAL A 102 0.41 1.22 9.41
CA VAL A 102 0.95 0.09 8.65
C VAL A 102 1.85 -0.83 9.53
N ILE A 103 2.73 -0.20 10.27
CA ILE A 103 3.66 -0.89 11.19
C ILE A 103 2.87 -1.66 12.24
N LEU A 104 1.86 -1.01 12.83
CA LEU A 104 1.19 -1.74 13.92
C LEU A 104 0.20 -2.73 13.42
N THR A 105 -0.43 -2.57 12.26
CA THR A 105 -1.31 -3.63 11.74
C THR A 105 -0.57 -4.79 11.07
N SER A 106 0.74 -4.70 11.08
CA SER A 106 1.54 -5.89 10.69
C SER A 106 2.27 -6.50 11.86
N SER A 107 2.00 -6.07 13.09
CA SER A 107 2.63 -6.51 14.27
C SER A 107 1.94 -7.73 14.89
N VAL A 108 2.72 -8.73 15.19
CA VAL A 108 2.24 -9.94 15.83
CA VAL A 108 2.16 -9.96 15.81
C VAL A 108 1.58 -9.65 17.20
N VAL A 109 2.16 -8.73 17.90
CA VAL A 109 1.67 -8.36 19.24
C VAL A 109 0.27 -7.78 19.08
N ASN A 110 0.09 -6.89 18.13
CA ASN A 110 -1.22 -6.33 17.90
C ASN A 110 -2.23 -7.34 17.56
N ALA A 111 -1.93 -8.22 16.60
CA ALA A 111 -2.84 -9.31 16.30
C ALA A 111 -3.28 -10.15 17.48
N LEU A 112 -2.34 -10.39 18.37
CA LEU A 112 -2.57 -11.27 19.55
C LEU A 112 -3.01 -10.52 20.82
N SER A 113 -3.36 -9.27 20.63
CA SER A 113 -3.84 -8.44 21.78
C SER A 113 -5.36 -8.23 21.55
N GLN A 114 -6.13 -8.36 22.63
CA GLN A 114 -7.55 -7.99 22.53
C GLN A 114 -7.71 -6.52 22.33
N ASP A 115 -6.80 -5.71 22.84
CA ASP A 115 -6.77 -4.29 22.66
C ASP A 115 -5.30 -3.83 22.65
N LEU A 116 -5.06 -2.80 21.83
CA LEU A 116 -3.72 -2.18 21.79
C LEU A 116 -3.95 -0.73 21.47
N GLU A 117 -3.16 0.13 22.10
CA GLU A 117 -3.20 1.55 21.86
C GLU A 117 -1.78 2.06 21.58
N VAL A 118 -1.66 3.04 20.69
CA VAL A 118 -0.40 3.73 20.51
C VAL A 118 -0.60 5.21 20.74
N TYR A 119 0.40 5.88 21.31
CA TYR A 119 0.50 7.30 21.32
C TYR A 119 1.86 7.63 20.77
N VAL A 120 1.92 8.45 19.75
CA VAL A 120 3.20 8.91 19.17
C VAL A 120 3.35 10.38 19.50
N HIS A 121 4.49 10.73 20.03
CA HIS A 121 4.91 12.09 20.25
C HIS A 121 5.89 12.42 19.08
N ARG A 122 5.45 13.27 18.13
CA ARG A 122 6.35 13.62 17.01
C ARG A 122 5.82 14.89 16.38
N ASN A 123 6.68 15.66 15.76
CA ASN A 123 6.25 16.90 15.07
C ASN A 123 5.48 17.85 16.07
N GLU A 124 5.76 17.79 17.36
CA GLU A 124 5.15 18.60 18.41
C GLU A 124 3.69 18.28 18.60
N THR A 125 3.31 17.08 18.25
CA THR A 125 1.98 16.64 18.20
C THR A 125 1.89 15.28 18.89
N ILE A 126 0.74 15.00 19.53
CA ILE A 126 0.50 13.69 20.05
C ILE A 126 -0.53 13.03 19.21
N TYR A 127 -0.20 11.86 18.61
CA TYR A 127 -1.11 11.10 17.78
C TYR A 127 -1.51 9.82 18.44
N HIS A 128 -2.75 9.43 18.31
CA HIS A 128 -3.32 8.26 18.91
C HIS A 128 -4.09 7.39 17.98
N GLN A 129 -3.91 6.07 18.08
CA GLN A 129 -4.80 5.09 17.47
C GLN A 129 -4.96 3.93 18.40
N ALA A 130 -6.09 3.24 18.28
CA ALA A 130 -6.41 2.04 19.05
C ALA A 130 -6.84 0.98 18.08
N TYR A 131 -6.67 -0.25 18.55
CA TYR A 131 -6.88 -1.47 17.72
C TYR A 131 -7.44 -2.55 18.64
N LYS A 132 -8.18 -3.51 18.05
CA LYS A 132 -8.62 -4.74 18.70
C LYS A 132 -8.33 -5.91 17.77
N LYS A 133 -7.54 -6.86 18.26
CA LYS A 133 -7.11 -7.99 17.45
C LYS A 133 -6.43 -7.51 16.19
N GLY A 134 -5.70 -6.39 16.26
CA GLY A 134 -4.98 -5.80 15.15
C GLY A 134 -5.76 -4.84 14.25
N VAL A 135 -7.09 -4.81 14.40
CA VAL A 135 -7.96 -3.96 13.58
C VAL A 135 -8.08 -2.56 14.12
N PRO A 136 -7.72 -1.53 13.36
CA PRO A 136 -7.84 -0.15 13.83
C PRO A 136 -9.26 0.17 14.14
N GLN A 137 -9.47 0.83 15.28
CA GLN A 137 -10.83 1.16 15.68
C GLN A 137 -11.29 2.50 15.18
N PHE A 138 -10.37 3.33 14.73
CA PHE A 138 -10.56 4.67 14.25
C PHE A 138 -9.29 5.15 13.56
N ASP A 139 -9.38 6.13 12.66
CA ASP A 139 -8.22 6.68 12.03
C ASP A 139 -7.30 7.36 13.03
N LEU A 140 -6.00 7.31 12.77
CA LEU A 140 -5.02 7.99 13.59
C LEU A 140 -5.46 9.45 13.82
N LYS A 141 -5.45 9.85 15.08
CA LYS A 141 -5.84 11.25 15.34
C LYS A 141 -4.86 12.04 16.17
N GLU A 142 -4.83 13.33 15.89
CA GLU A 142 -4.15 14.28 16.71
C GLU A 142 -4.95 14.56 17.98
N VAL A 143 -4.37 14.27 19.13
CA VAL A 143 -5.07 14.41 20.42
C VAL A 143 -4.45 15.48 21.27
N GLY A 144 -3.25 16.01 21.03
CA GLY A 144 -2.70 16.97 21.89
C GLY A 144 -1.37 17.40 21.29
N THR A 145 -0.63 18.12 22.04
CA THR A 145 0.67 18.68 21.68
C THR A 145 1.73 18.24 22.64
N THR A 146 3.00 18.44 22.25
CA THR A 146 4.07 17.93 23.04
C THR A 146 5.37 18.66 22.63
N ASP A 147 6.31 18.65 23.54
CA ASP A 147 7.68 19.13 23.25
C ASP A 147 8.70 17.97 23.30
N LYS A 148 8.22 16.74 23.29
CA LYS A 148 9.06 15.55 23.29
C LYS A 148 8.78 14.70 22.05
N THR A 149 9.63 13.72 21.86
CA THR A 149 9.36 12.68 20.92
C THR A 149 9.45 11.31 21.55
N GLY A 150 8.69 10.36 21.01
CA GLY A 150 8.78 8.98 21.39
C GLY A 150 7.53 8.29 21.18
N THR A 151 7.50 7.06 21.65
CA THR A 151 6.36 6.19 21.36
C THR A 151 5.88 5.54 22.63
N VAL A 152 4.56 5.44 22.81
CA VAL A 152 3.94 4.66 23.86
C VAL A 152 3.08 3.60 23.21
N ILE A 153 3.28 2.33 23.61
CA ILE A 153 2.44 1.17 23.21
CA ILE A 153 2.39 1.23 23.21
C ILE A 153 1.84 0.58 24.47
N ARG A 154 0.51 0.41 24.51
CA ARG A 154 -0.18 -0.25 25.63
C ARG A 154 -1.00 -1.41 25.01
N PHE A 155 -0.86 -2.59 25.56
CA PHE A 155 -1.61 -3.76 25.05
C PHE A 155 -2.12 -4.64 26.12
N LYS A 156 -3.26 -5.29 25.81
CA LYS A 156 -3.78 -6.34 26.64
C LYS A 156 -3.82 -7.64 25.81
N ALA A 157 -3.09 -8.61 26.27
CA ALA A 157 -3.01 -9.92 25.56
C ALA A 157 -4.38 -10.52 25.46
N ASP A 158 -4.61 -11.20 24.36
CA ASP A 158 -5.96 -11.75 24.12
C ASP A 158 -6.06 -13.11 24.81
N GLY A 159 -6.92 -13.21 25.83
CA GLY A 159 -7.14 -14.48 26.50
C GLY A 159 -7.72 -15.59 25.67
N GLU A 160 -8.21 -15.25 24.47
CA GLU A 160 -8.64 -16.29 23.52
C GLU A 160 -7.45 -16.99 22.94
N ILE A 161 -6.31 -16.34 22.86
CA ILE A 161 -5.06 -16.89 22.33
C ILE A 161 -4.24 -17.50 23.48
N PHE A 162 -4.12 -16.73 24.57
CA PHE A 162 -3.28 -17.16 25.71
C PHE A 162 -4.19 -17.80 26.74
N THR A 163 -4.51 -19.06 26.50
CA THR A 163 -5.56 -19.76 27.25
C THR A 163 -5.08 -20.27 28.57
N GLU A 164 -3.78 -20.46 28.78
CA GLU A 164 -3.23 -20.91 30.06
C GLU A 164 -3.21 -19.82 31.07
N THR A 165 -2.61 -18.67 30.70
CA THR A 165 -2.52 -17.54 31.61
C THR A 165 -2.27 -16.23 30.84
N THR A 166 -2.78 -15.11 31.38
CA THR A 166 -2.56 -13.77 30.87
C THR A 166 -1.93 -12.92 31.96
N VAL A 167 -1.36 -13.59 32.97
CA VAL A 167 -0.82 -12.86 34.10
C VAL A 167 0.71 -12.87 33.97
N TYR A 168 1.30 -11.68 33.93
CA TYR A 168 2.75 -11.62 33.77
C TYR A 168 3.44 -11.99 35.04
N ASN A 169 4.66 -12.41 34.94
CA ASN A 169 5.48 -12.74 36.10
C ASN A 169 6.57 -11.64 36.27
N TYR A 170 6.50 -10.84 37.32
CA TYR A 170 7.46 -9.76 37.45
C TYR A 170 8.88 -10.26 37.36
N GLU A 171 9.24 -11.33 38.04
CA GLU A 171 10.63 -11.76 38.07
C GLU A 171 11.11 -12.21 36.66
N THR A 172 10.25 -12.85 35.88
CA THR A 172 10.57 -13.19 34.50
C THR A 172 10.88 -11.90 33.69
N LEU A 173 9.99 -10.93 33.77
CA LEU A 173 10.26 -9.64 33.12
C LEU A 173 11.54 -8.98 33.61
N GLN A 174 11.72 -8.93 34.93
CA GLN A 174 12.89 -8.31 35.51
C GLN A 174 14.16 -8.97 35.04
N GLN A 175 14.17 -10.30 34.97
CA GLN A 175 15.45 -10.98 34.66
C GLN A 175 15.86 -10.67 33.20
N ARG A 176 14.92 -10.63 32.33
CA ARG A 176 15.26 -10.33 30.93
C ARG A 176 15.54 -8.83 30.73
N ILE A 177 14.86 -7.94 31.45
CA ILE A 177 15.09 -6.52 31.30
C ILE A 177 16.48 -6.20 31.76
N ARG A 178 16.87 -6.74 32.91
CA ARG A 178 18.21 -6.55 33.38
C ARG A 178 19.23 -7.03 32.34
N GLU A 179 19.03 -8.24 31.85
CA GLU A 179 19.89 -8.77 30.78
C GLU A 179 19.97 -7.80 29.60
N LEU A 180 18.84 -7.29 29.14
CA LEU A 180 18.85 -6.37 27.99
C LEU A 180 19.63 -5.12 28.28
N ALA A 181 19.49 -4.54 29.45
CA ALA A 181 20.20 -3.35 29.76
C ALA A 181 21.69 -3.65 29.82
N PHE A 182 22.05 -4.83 30.38
CA PHE A 182 23.47 -5.15 30.45
C PHE A 182 24.10 -5.34 29.04
N LEU A 183 23.37 -5.88 28.17
CA LEU A 183 23.81 -6.15 26.77
C LEU A 183 23.84 -4.87 25.96
N ASN A 184 22.88 -3.98 26.17
CA ASN A 184 22.78 -2.69 25.44
C ASN A 184 23.18 -1.54 26.30
N LYS A 185 24.47 -1.36 26.60
CA LYS A 185 24.86 -0.41 27.63
C LYS A 185 24.47 1.01 27.18
N GLY A 186 24.10 1.83 28.12
CA GLY A 186 23.75 3.18 27.88
C GLY A 186 22.22 3.36 27.77
N ILE A 187 21.46 2.28 27.66
CA ILE A 187 19.97 2.38 27.58
C ILE A 187 19.46 2.24 29.02
N GLN A 188 18.67 3.17 29.48
CA GLN A 188 18.03 3.09 30.82
C GLN A 188 16.74 2.31 30.60
N ILE A 189 16.58 1.15 31.18
CA ILE A 189 15.38 0.33 31.01
C ILE A 189 14.75 0.17 32.40
N THR A 190 13.47 0.55 32.51
CA THR A 190 12.77 0.56 33.82
C THR A 190 11.59 -0.39 33.72
N LEU A 191 11.43 -1.20 34.75
CA LEU A 191 10.28 -2.08 34.94
C LEU A 191 9.46 -1.61 36.10
N ARG A 192 8.13 -1.53 35.93
CA ARG A 192 7.30 -1.10 37.11
C ARG A 192 6.05 -1.99 37.10
N ASP A 193 5.68 -2.45 38.31
CA ASP A 193 4.42 -3.21 38.50
C ASP A 193 3.41 -2.37 39.22
N GLU A 194 2.33 -1.96 38.55
CA GLU A 194 1.26 -1.14 39.12
C GLU A 194 0.00 -1.95 39.33
N ARG A 195 0.06 -3.27 39.26
CA ARG A 195 -1.17 -4.06 39.35
C ARG A 195 -1.78 -3.88 40.73
N ASP A 196 -0.99 -3.81 41.77
CA ASP A 196 -1.54 -3.54 43.14
C ASP A 196 -1.17 -2.11 43.48
N GLU A 197 -2.10 -1.20 43.39
CA GLU A 197 -1.84 0.24 43.63
C GLU A 197 -1.30 0.52 45.05
N GLU A 198 -1.56 -0.37 45.98
CA GLU A 198 -1.10 -0.24 47.33
C GLU A 198 0.38 -0.65 47.49
N ASN A 199 1.01 -1.45 46.57
CA ASN A 199 2.42 -1.85 46.65
C ASN A 199 2.95 -1.87 45.22
N VAL A 200 3.56 -0.76 44.83
CA VAL A 200 4.09 -0.62 43.46
C VAL A 200 5.56 -0.90 43.54
N ARG A 201 6.07 -1.74 42.67
CA ARG A 201 7.48 -2.10 42.66
CA ARG A 201 7.46 -2.19 42.67
C ARG A 201 8.07 -1.63 41.37
N GLU A 202 9.31 -1.15 41.46
CA GLU A 202 10.01 -0.62 40.24
C GLU A 202 11.49 -1.06 40.32
N ASP A 203 12.04 -1.52 39.21
CA ASP A 203 13.49 -1.76 39.12
C ASP A 203 13.92 -0.98 37.87
N SER A 204 15.06 -0.31 37.98
CA SER A 204 15.57 0.48 36.85
CA SER A 204 15.59 0.61 36.94
C SER A 204 17.03 0.22 36.60
N TYR A 205 17.27 -0.13 35.34
CA TYR A 205 18.62 -0.65 34.94
C TYR A 205 19.27 0.31 33.96
N HIS A 206 20.57 0.54 34.13
CA HIS A 206 21.29 1.50 33.26
C HIS A 206 22.75 1.20 33.44
N TYR A 207 23.33 0.52 32.48
CA TYR A 207 24.72 0.08 32.54
C TYR A 207 25.63 1.07 31.86
N GLU A 208 26.74 1.36 32.52
CA GLU A 208 27.77 2.29 32.06
C GLU A 208 27.23 3.61 31.53
N GLY B 1 -12.02 4.90 -14.35
CA GLY B 1 -13.12 5.93 -14.34
C GLY B 1 -13.34 6.57 -15.70
N SER B 2 -14.41 7.36 -15.80
CA SER B 2 -14.75 8.14 -17.00
C SER B 2 -13.71 9.23 -17.04
N VAL B 3 -13.66 9.98 -18.14
CA VAL B 3 -12.56 10.93 -18.28
C VAL B 3 -12.60 12.05 -17.19
N THR B 4 -13.80 12.39 -16.68
CA THR B 4 -13.95 13.44 -15.68
C THR B 4 -13.83 12.90 -14.27
N ALA B 5 -14.19 11.64 -14.11
CA ALA B 5 -14.07 10.96 -12.81
C ALA B 5 -12.61 10.62 -12.56
N LEU B 6 -11.84 10.51 -13.64
CA LEU B 6 -10.53 9.89 -13.55
C LEU B 6 -9.69 10.42 -12.38
N GLN B 21 6.54 14.28 -5.10
CA GLN B 21 5.57 13.28 -4.62
C GLN B 21 4.86 12.51 -5.76
N VAL B 22 4.70 13.14 -6.92
CA VAL B 22 4.26 12.38 -8.10
C VAL B 22 5.34 11.33 -8.39
N LEU B 23 6.57 11.80 -8.56
CA LEU B 23 7.76 10.95 -8.72
C LEU B 23 7.87 9.84 -7.65
N GLU B 24 7.51 10.15 -6.41
CA GLU B 24 7.55 9.13 -5.37
C GLU B 24 6.48 8.04 -5.57
N GLY B 25 5.31 8.43 -6.07
CA GLY B 25 4.21 7.53 -6.23
C GLY B 25 4.56 6.59 -7.39
N LEU B 26 5.27 7.10 -8.38
CA LEU B 26 5.69 6.27 -9.49
C LEU B 26 6.77 5.25 -9.02
N GLU B 27 7.65 5.68 -8.14
CA GLU B 27 8.74 4.79 -7.66
C GLU B 27 8.12 3.69 -6.83
N ALA B 28 7.06 4.02 -6.10
CA ALA B 28 6.35 3.05 -5.27
C ALA B 28 5.68 1.95 -6.07
N VAL B 29 5.00 2.32 -7.14
CA VAL B 29 4.29 1.35 -7.92
C VAL B 29 5.30 0.43 -8.56
N ARG B 30 6.40 0.98 -9.01
CA ARG B 30 7.42 0.21 -9.68
C ARG B 30 8.13 -0.80 -8.77
N LYS B 31 8.14 -0.53 -7.48
CA LYS B 31 8.77 -1.44 -6.50
C LYS B 31 7.83 -2.54 -6.06
N ARG B 32 6.54 -2.31 -6.10
CA ARG B 32 5.60 -3.37 -5.73
CA ARG B 32 5.57 -3.33 -5.72
C ARG B 32 4.49 -3.51 -6.77
N PRO B 33 4.89 -3.86 -8.00
CA PRO B 33 3.91 -3.94 -9.09
C PRO B 33 2.78 -4.90 -8.85
N GLY B 34 3.11 -5.99 -8.14
CA GLY B 34 2.15 -7.03 -7.86
C GLY B 34 1.00 -6.63 -7.01
N MET B 35 1.22 -5.64 -6.16
CA MET B 35 0.12 -5.04 -5.39
C MET B 35 -0.99 -4.40 -6.28
N TYR B 36 -0.60 -3.89 -7.45
CA TYR B 36 -1.50 -3.14 -8.35
C TYR B 36 -1.96 -3.95 -9.50
N ILE B 37 -1.09 -4.83 -10.03
CA ILE B 37 -1.47 -5.62 -11.20
C ILE B 37 -1.43 -7.13 -11.03
N GLY B 38 -1.23 -7.58 -9.77
CA GLY B 38 -1.29 -9.00 -9.42
C GLY B 38 0.05 -9.70 -9.47
N SER B 39 0.83 -9.47 -10.53
CA SER B 39 2.11 -10.11 -10.73
C SER B 39 2.86 -9.45 -11.87
N THR B 40 4.13 -9.81 -12.04
CA THR B 40 4.95 -9.36 -13.14
C THR B 40 5.18 -10.39 -14.26
N SER B 41 4.40 -11.45 -14.19
CA SER B 41 4.40 -12.57 -15.11
C SER B 41 3.60 -12.15 -16.34
N GLU B 42 3.46 -13.04 -17.30
CA GLU B 42 2.54 -12.84 -18.43
C GLU B 42 1.16 -12.30 -18.04
N ARG B 43 0.59 -12.74 -16.92
CA ARG B 43 -0.75 -12.41 -16.50
C ARG B 43 -0.71 -10.92 -16.10
N GLY B 44 0.38 -10.47 -15.52
CA GLY B 44 0.55 -9.04 -15.16
C GLY B 44 0.72 -8.13 -16.37
N LEU B 45 1.46 -8.62 -17.37
CA LEU B 45 1.66 -7.94 -18.61
C LEU B 45 0.28 -7.65 -19.24
N HIS B 46 -0.51 -8.67 -19.39
CA HIS B 46 -1.85 -8.47 -19.93
C HIS B 46 -2.72 -7.55 -19.11
N HIS B 47 -2.59 -7.59 -17.82
CA HIS B 47 -3.36 -6.76 -16.95
C HIS B 47 -3.16 -5.25 -17.27
N LEU B 48 -1.95 -4.89 -17.75
CA LEU B 48 -1.74 -3.49 -18.21
C LEU B 48 -2.79 -3.10 -19.24
N VAL B 49 -3.01 -4.02 -20.19
CA VAL B 49 -4.07 -3.78 -21.18
C VAL B 49 -5.41 -3.59 -20.55
N TRP B 50 -5.74 -4.41 -19.56
CA TRP B 50 -7.09 -4.35 -19.00
C TRP B 50 -7.25 -3.03 -18.22
N GLU B 51 -6.23 -2.51 -17.63
CA GLU B 51 -6.35 -1.22 -16.92
C GLU B 51 -6.71 -0.10 -17.88
N ILE B 52 -6.05 -0.12 -19.04
CA ILE B 52 -6.22 1.01 -19.95
C ILE B 52 -7.57 0.79 -20.63
N VAL B 53 -7.88 -0.44 -21.10
CA VAL B 53 -9.21 -0.70 -21.63
C VAL B 53 -10.32 -0.30 -20.70
N ASP B 54 -10.16 -0.61 -19.43
CA ASP B 54 -11.19 -0.32 -18.42
CA ASP B 54 -11.19 -0.30 -18.44
C ASP B 54 -11.52 1.19 -18.39
N ASN B 55 -10.52 2.04 -18.59
CA ASN B 55 -10.76 3.46 -18.64
C ASN B 55 -11.69 3.78 -19.81
N SER B 56 -11.46 3.14 -20.96
CA SER B 56 -12.29 3.39 -22.08
C SER B 56 -13.71 2.82 -21.89
N ILE B 57 -13.80 1.63 -21.24
CA ILE B 57 -15.12 1.09 -20.91
C ILE B 57 -15.92 2.01 -19.96
N ASP B 58 -15.24 2.65 -19.03
CA ASP B 58 -15.91 3.60 -18.15
C ASP B 58 -16.51 4.77 -18.95
N GLU B 59 -15.77 5.22 -20.00
CA GLU B 59 -16.23 6.23 -20.85
C GLU B 59 -17.45 5.80 -21.68
N ALA B 60 -17.49 4.52 -22.06
CA ALA B 60 -18.70 3.96 -22.64
C ALA B 60 -19.84 3.88 -21.63
N LEU B 61 -19.52 3.45 -20.43
CA LEU B 61 -20.56 3.40 -19.37
C LEU B 61 -21.15 4.74 -19.02
N ALA B 62 -20.36 5.79 -19.15
CA ALA B 62 -20.80 7.14 -18.92
C ALA B 62 -21.68 7.66 -20.07
N GLY B 63 -21.69 7.01 -21.22
CA GLY B 63 -22.53 7.33 -22.37
C GLY B 63 -21.88 8.02 -23.51
N TYR B 64 -20.55 8.21 -23.46
CA TYR B 64 -19.86 9.03 -24.47
C TYR B 64 -19.06 8.29 -25.52
N ALA B 65 -18.51 7.12 -25.21
CA ALA B 65 -17.76 6.33 -26.19
C ALA B 65 -18.63 5.20 -26.69
N ASN B 66 -18.51 4.83 -27.97
CA ASN B 66 -19.09 3.56 -28.45
C ASN B 66 -18.23 2.75 -29.39
N GLN B 67 -16.96 3.15 -29.44
CA GLN B 67 -15.98 2.37 -30.21
C GLN B 67 -14.69 2.37 -29.44
N ILE B 68 -14.12 1.19 -29.24
CA ILE B 68 -12.82 1.01 -28.56
C ILE B 68 -12.00 0.13 -29.50
N GLU B 69 -10.73 0.50 -29.66
CA GLU B 69 -9.83 -0.27 -30.51
C GLU B 69 -8.56 -0.57 -29.71
N VAL B 70 -8.15 -1.83 -29.72
CA VAL B 70 -6.93 -2.26 -29.12
C VAL B 70 -5.99 -2.79 -30.19
N VAL B 71 -4.77 -2.28 -30.24
CA VAL B 71 -3.85 -2.70 -31.33
C VAL B 71 -2.57 -3.15 -30.63
N ILE B 72 -2.10 -4.34 -31.03
CA ILE B 72 -0.77 -4.77 -30.59
C ILE B 72 0.08 -4.37 -31.71
N GLU B 73 0.99 -3.41 -31.45
CA GLU B 73 1.84 -2.81 -32.44
C GLU B 73 3.26 -3.40 -32.40
N LYS B 74 4.05 -3.04 -33.43
CA LYS B 74 5.41 -3.41 -33.55
C LYS B 74 6.11 -3.23 -32.25
N ASP B 75 6.98 -4.17 -31.88
CA ASP B 75 7.70 -4.16 -30.62
C ASP B 75 6.86 -4.25 -29.38
N ASN B 76 5.65 -4.80 -29.52
CA ASN B 76 4.79 -4.99 -28.40
C ASN B 76 4.46 -3.72 -27.66
N TRP B 77 4.24 -2.68 -28.40
CA TRP B 77 3.48 -1.55 -27.89
C TRP B 77 2.01 -1.94 -28.01
N ILE B 78 1.23 -1.37 -27.12
CA ILE B 78 -0.24 -1.52 -27.12
C ILE B 78 -0.77 -0.14 -27.37
N LYS B 79 -1.77 -0.03 -28.22
CA LYS B 79 -2.46 1.25 -28.46
C LYS B 79 -3.94 1.01 -28.26
N VAL B 80 -4.52 1.83 -27.37
CA VAL B 80 -5.98 1.75 -27.09
C VAL B 80 -6.59 3.12 -27.47
N THR B 81 -7.63 3.08 -28.26
CA THR B 81 -8.26 4.28 -28.73
C THR B 81 -9.75 4.18 -28.39
N ASP B 82 -10.34 5.28 -27.88
CA ASP B 82 -11.82 5.32 -27.83
C ASP B 82 -12.26 6.64 -28.41
N ASN B 83 -13.54 6.68 -28.69
CA ASN B 83 -14.17 7.90 -29.25
C ASN B 83 -15.04 8.61 -28.24
N GLY B 84 -14.63 8.61 -27.02
CA GLY B 84 -15.30 9.34 -26.00
C GLY B 84 -14.92 10.83 -25.98
N ARG B 85 -15.07 11.48 -24.84
CA ARG B 85 -14.88 12.98 -24.76
C ARG B 85 -13.46 13.43 -24.88
N GLY B 86 -12.53 12.53 -24.70
CA GLY B 86 -11.11 12.91 -24.55
C GLY B 86 -10.79 13.21 -23.12
N ILE B 87 -9.61 12.79 -22.62
CA ILE B 87 -9.25 13.12 -21.26
C ILE B 87 -9.15 14.64 -21.13
N PRO B 88 -9.71 15.24 -20.05
CA PRO B 88 -9.60 16.68 -19.97
C PRO B 88 -8.18 17.19 -19.95
N VAL B 89 -8.03 18.42 -20.44
CA VAL B 89 -6.72 19.05 -20.53
C VAL B 89 -6.59 20.35 -19.78
N ASP B 90 -7.70 20.78 -19.16
CA ASP B 90 -7.72 22.01 -18.37
C ASP B 90 -6.73 21.97 -17.23
N ILE B 91 -6.16 23.13 -16.86
CA ILE B 91 -5.11 23.22 -15.90
C ILE B 91 -5.77 23.21 -14.55
N GLN B 92 -5.23 22.38 -13.68
CA GLN B 92 -5.74 22.21 -12.29
C GLN B 92 -5.12 23.26 -11.36
N GLY B 96 -1.61 22.82 -10.72
CA GLY B 96 -0.96 23.70 -11.71
C GLY B 96 -0.52 22.98 -13.02
N ARG B 97 -1.12 21.83 -13.27
CA ARG B 97 -0.76 20.99 -14.47
C ARG B 97 -2.04 20.59 -15.17
N PRO B 98 -2.00 20.30 -16.48
CA PRO B 98 -3.21 19.85 -17.18
C PRO B 98 -3.73 18.56 -16.59
N ALA B 99 -5.05 18.42 -16.56
CA ALA B 99 -5.68 17.26 -15.94
C ALA B 99 -5.16 15.95 -16.50
N VAL B 100 -4.99 15.86 -17.81
CA VAL B 100 -4.47 14.61 -18.41
C VAL B 100 -3.09 14.25 -17.83
N GLU B 101 -2.21 15.21 -17.57
CA GLU B 101 -0.92 14.91 -17.01
C GLU B 101 -1.10 14.41 -15.62
N VAL B 102 -1.94 15.08 -14.82
CA VAL B 102 -2.17 14.64 -13.41
C VAL B 102 -2.71 13.18 -13.43
N ILE B 103 -3.66 12.93 -14.29
CA ILE B 103 -4.22 11.57 -14.41
C ILE B 103 -3.14 10.55 -14.79
N LEU B 104 -2.38 10.83 -15.86
CA LEU B 104 -1.46 9.81 -16.37
C LEU B 104 -0.21 9.70 -15.50
N THR B 105 0.20 10.70 -14.74
CA THR B 105 1.31 10.52 -13.87
C THR B 105 0.85 9.84 -12.56
N SER B 106 -0.37 9.51 -12.45
CA SER B 106 -0.92 8.65 -11.35
C SER B 106 -1.33 7.29 -11.81
N SER B 107 -1.04 6.97 -13.06
CA SER B 107 -1.43 5.71 -13.65
C SER B 107 -0.36 4.63 -13.40
N VAL B 108 -0.83 3.51 -12.87
CA VAL B 108 -0.01 2.29 -12.70
C VAL B 108 0.58 1.82 -14.05
N VAL B 109 -0.21 1.87 -15.11
CA VAL B 109 0.31 1.42 -16.40
C VAL B 109 1.48 2.30 -16.84
N ASN B 110 1.32 3.64 -16.69
CA ASN B 110 2.39 4.51 -17.07
C ASN B 110 3.66 4.24 -16.26
N ALA B 111 3.47 4.07 -14.92
CA ALA B 111 4.66 3.79 -14.09
C ALA B 111 5.44 2.54 -14.51
N LEU B 112 4.69 1.54 -14.99
CA LEU B 112 5.24 0.23 -15.39
C LEU B 112 5.54 0.15 -16.88
N SER B 113 5.49 1.28 -17.61
CA SER B 113 5.81 1.31 -18.98
C SER B 113 7.08 2.03 -19.22
N GLN B 114 7.91 1.48 -20.09
CA GLN B 114 9.17 2.15 -20.43
C GLN B 114 8.88 3.50 -21.20
N ASP B 115 7.77 3.53 -21.93
CA ASP B 115 7.36 4.67 -22.78
C ASP B 115 5.84 4.59 -22.85
N LEU B 116 5.25 5.77 -22.72
CA LEU B 116 3.79 5.89 -22.93
C LEU B 116 3.52 7.19 -23.61
N GLU B 117 2.56 7.20 -24.53
CA GLU B 117 2.19 8.41 -25.26
C GLU B 117 0.69 8.55 -25.14
N VAL B 118 0.23 9.79 -25.06
CA VAL B 118 -1.21 10.07 -25.12
C VAL B 118 -1.46 11.07 -26.27
N TYR B 119 -2.56 10.92 -26.95
CA TYR B 119 -3.11 11.89 -27.86
C TYR B 119 -4.58 12.12 -27.50
N VAL B 120 -4.92 13.31 -27.11
CA VAL B 120 -6.32 13.66 -26.81
C VAL B 120 -6.89 14.48 -27.94
N HIS B 121 -8.05 14.08 -28.42
CA HIS B 121 -8.85 14.84 -29.41
C HIS B 121 -9.96 15.49 -28.60
N ARG B 122 -9.87 16.81 -28.41
CA ARG B 122 -10.81 17.55 -27.57
C ARG B 122 -10.71 19.01 -27.96
N ASN B 123 -11.81 19.75 -27.80
CA ASN B 123 -11.76 21.25 -28.12
C ASN B 123 -11.25 21.45 -29.56
N GLU B 124 -11.53 20.52 -30.46
CA GLU B 124 -11.13 20.65 -31.86
C GLU B 124 -9.60 20.72 -32.00
N THR B 125 -8.90 20.14 -31.05
CA THR B 125 -7.41 20.24 -30.95
C THR B 125 -6.97 18.80 -30.69
N ILE B 126 -5.74 18.52 -31.14
CA ILE B 126 -5.05 17.24 -30.74
C ILE B 126 -3.94 17.61 -29.82
N TYR B 127 -3.98 17.07 -28.60
CA TYR B 127 -2.97 17.32 -27.59
C TYR B 127 -2.15 16.13 -27.37
N HIS B 128 -0.85 16.30 -27.15
CA HIS B 128 0.06 15.19 -27.02
C HIS B 128 1.03 15.32 -25.92
N GLN B 129 1.22 14.25 -25.15
CA GLN B 129 2.27 14.16 -24.18
C GLN B 129 2.88 12.79 -24.18
N ALA B 130 4.17 12.71 -23.86
CA ALA B 130 4.90 11.40 -23.77
C ALA B 130 5.56 11.29 -22.41
N TYR B 131 5.74 10.07 -21.92
CA TYR B 131 6.29 9.75 -20.62
C TYR B 131 7.23 8.57 -20.76
N LYS B 132 8.14 8.48 -19.80
CA LYS B 132 9.00 7.30 -19.66
C LYS B 132 8.99 6.93 -18.20
N LYS B 133 8.62 5.72 -17.88
CA LYS B 133 8.44 5.25 -16.53
C LYS B 133 7.58 6.18 -15.73
N GLY B 134 6.54 6.75 -16.41
CA GLY B 134 5.62 7.68 -15.82
C GLY B 134 6.04 9.16 -15.77
N VAL B 135 7.25 9.45 -16.10
CA VAL B 135 7.79 10.80 -16.01
C VAL B 135 7.53 11.53 -17.34
N PRO B 136 6.80 12.66 -17.29
CA PRO B 136 6.61 13.44 -18.52
C PRO B 136 7.89 13.85 -19.19
N GLN B 137 8.00 13.68 -20.46
CA GLN B 137 9.18 14.07 -21.19
C GLN B 137 9.17 15.50 -21.72
N PHE B 138 7.99 16.05 -21.82
CA PHE B 138 7.77 17.43 -22.27
C PHE B 138 6.34 17.78 -21.87
N ASP B 139 6.06 19.07 -21.86
CA ASP B 139 4.70 19.55 -21.54
C ASP B 139 3.68 19.17 -22.54
N LEU B 140 2.42 18.93 -22.13
CA LEU B 140 1.32 18.69 -23.04
C LEU B 140 1.30 19.76 -24.09
N LYS B 141 1.22 19.36 -25.35
CA LYS B 141 1.26 20.38 -26.40
C LYS B 141 0.20 20.10 -27.45
N GLU B 142 -0.21 21.13 -28.16
CA GLU B 142 -1.08 21.02 -29.30
C GLU B 142 -0.31 20.64 -30.57
N VAL B 143 -0.73 19.58 -31.17
CA VAL B 143 -0.05 19.00 -32.31
C VAL B 143 -0.98 18.83 -33.52
N GLY B 144 -2.16 19.42 -33.52
CA GLY B 144 -3.01 19.37 -34.67
C GLY B 144 -4.39 19.84 -34.37
N THR B 145 -5.19 19.78 -35.38
CA THR B 145 -6.62 20.14 -35.37
C THR B 145 -7.39 18.90 -35.66
N THR B 146 -8.60 18.85 -35.08
CA THR B 146 -9.45 17.68 -35.25
C THR B 146 -10.92 18.09 -35.21
N ASP B 147 -11.74 17.23 -35.79
CA ASP B 147 -13.19 17.37 -35.71
C ASP B 147 -13.81 16.16 -35.02
N LYS B 148 -12.98 15.44 -34.28
CA LYS B 148 -13.41 14.22 -33.54
C LYS B 148 -13.04 14.47 -32.07
N THR B 149 -13.58 13.61 -31.17
CA THR B 149 -13.24 13.60 -29.79
C THR B 149 -12.86 12.19 -29.40
N GLY B 150 -11.91 12.10 -28.51
CA GLY B 150 -11.54 10.78 -27.95
C GLY B 150 -10.12 10.76 -27.48
N THR B 151 -9.69 9.56 -27.08
CA THR B 151 -8.37 9.42 -26.42
C THR B 151 -7.63 8.30 -27.14
N VAL B 152 -6.33 8.52 -27.34
CA VAL B 152 -5.43 7.46 -27.79
C VAL B 152 -4.34 7.32 -26.73
N ILE B 153 -4.13 6.12 -26.21
CA ILE B 153 -3.01 5.81 -25.36
C ILE B 153 -2.18 4.76 -26.04
N ARG B 154 -0.86 4.94 -26.05
CA ARG B 154 0.06 3.89 -26.59
C ARG B 154 1.07 3.66 -25.48
N PHE B 155 1.38 2.40 -25.15
CA PHE B 155 2.42 2.11 -24.16
C PHE B 155 3.22 0.90 -24.48
N LYS B 156 4.49 0.96 -24.01
CA LYS B 156 5.39 -0.19 -24.12
CA LYS B 156 5.45 -0.17 -24.12
C LYS B 156 5.83 -0.57 -22.72
N ALA B 157 5.41 -1.76 -22.31
CA ALA B 157 5.70 -2.29 -20.99
C ALA B 157 7.20 -2.29 -20.74
N ASP B 158 7.54 -2.06 -19.50
CA ASP B 158 8.96 -1.98 -19.10
C ASP B 158 9.52 -3.40 -18.88
N GLY B 159 10.44 -3.74 -19.77
CA GLY B 159 11.06 -5.06 -19.78
C GLY B 159 11.93 -5.25 -18.58
N GLU B 160 12.22 -4.17 -17.83
CA GLU B 160 12.89 -4.31 -16.56
C GLU B 160 12.01 -4.81 -15.45
N ILE B 161 10.71 -4.58 -15.55
CA ILE B 161 9.69 -5.03 -14.64
C ILE B 161 9.21 -6.41 -15.11
N PHE B 162 8.85 -6.52 -16.39
CA PHE B 162 8.28 -7.73 -16.95
C PHE B 162 9.35 -8.54 -17.58
N THR B 163 10.09 -9.25 -16.71
CA THR B 163 11.29 -9.94 -17.13
C THR B 163 10.95 -11.32 -17.74
N GLU B 164 9.83 -11.92 -17.39
CA GLU B 164 9.45 -13.25 -17.98
C GLU B 164 9.17 -13.09 -19.50
N THR B 165 8.28 -12.11 -19.79
CA THR B 165 7.89 -11.86 -21.16
C THR B 165 7.28 -10.45 -21.27
N THR B 166 7.62 -9.84 -22.40
CA THR B 166 6.92 -8.63 -22.85
C THR B 166 6.14 -8.85 -24.14
N VAL B 167 5.88 -10.10 -24.53
CA VAL B 167 5.16 -10.45 -25.70
C VAL B 167 3.75 -10.81 -25.35
N TYR B 168 2.80 -10.08 -25.95
CA TYR B 168 1.37 -10.30 -25.72
C TYR B 168 0.95 -11.52 -26.47
N ASN B 169 -0.15 -12.09 -26.01
CA ASN B 169 -0.75 -13.28 -26.58
C ASN B 169 -2.13 -12.87 -27.17
N TYR B 170 -2.24 -13.00 -28.47
CA TYR B 170 -3.44 -12.51 -29.12
C TYR B 170 -4.65 -13.17 -28.54
N GLU B 171 -4.59 -14.52 -28.34
CA GLU B 171 -5.82 -15.22 -27.93
C GLU B 171 -6.26 -14.78 -26.53
N THR B 172 -5.32 -14.55 -25.67
CA THR B 172 -5.65 -14.00 -24.31
C THR B 172 -6.42 -12.70 -24.40
N LEU B 173 -5.89 -11.79 -25.22
CA LEU B 173 -6.55 -10.49 -25.42
C LEU B 173 -7.91 -10.69 -26.03
N GLN B 174 -7.98 -11.52 -27.07
CA GLN B 174 -9.18 -11.75 -27.77
C GLN B 174 -10.29 -12.26 -26.88
N GLN B 175 -9.94 -13.22 -26.04
CA GLN B 175 -10.95 -13.82 -25.21
C GLN B 175 -11.56 -12.78 -24.22
N ARG B 176 -10.77 -11.88 -23.69
CA ARG B 176 -11.29 -10.89 -22.70
CA ARG B 176 -11.32 -10.94 -22.71
C ARG B 176 -12.08 -9.84 -23.44
N ILE B 177 -11.61 -9.44 -24.61
CA ILE B 177 -12.27 -8.42 -25.34
C ILE B 177 -13.64 -8.87 -25.73
N ARG B 178 -13.77 -10.12 -26.20
CA ARG B 178 -15.11 -10.60 -26.53
CA ARG B 178 -15.10 -10.62 -26.52
C ARG B 178 -16.04 -10.53 -25.30
N GLU B 179 -15.54 -10.92 -24.13
CA GLU B 179 -16.27 -10.83 -22.85
C GLU B 179 -16.72 -9.43 -22.53
N LEU B 180 -15.77 -8.50 -22.74
CA LEU B 180 -16.09 -7.10 -22.52
C LEU B 180 -17.16 -6.60 -23.41
N ALA B 181 -17.10 -6.94 -24.70
CA ALA B 181 -18.07 -6.48 -25.64
C ALA B 181 -19.45 -7.13 -25.28
N PHE B 182 -19.42 -8.37 -24.81
CA PHE B 182 -20.71 -8.98 -24.46
C PHE B 182 -21.36 -8.31 -23.20
N LEU B 183 -20.55 -7.91 -22.28
CA LEU B 183 -20.98 -7.11 -21.07
C LEU B 183 -21.51 -5.73 -21.51
N ASN B 184 -20.89 -5.14 -22.55
CA ASN B 184 -21.16 -3.77 -22.95
C ASN B 184 -21.77 -3.70 -24.30
N LYS B 185 -23.05 -4.11 -24.35
CA LYS B 185 -23.76 -4.21 -25.57
C LYS B 185 -23.77 -2.87 -26.30
N GLY B 186 -23.58 -2.94 -27.60
CA GLY B 186 -23.65 -1.73 -28.39
C GLY B 186 -22.33 -0.99 -28.47
N ILE B 187 -21.33 -1.48 -27.77
CA ILE B 187 -19.96 -0.88 -27.85
C ILE B 187 -19.16 -1.79 -28.78
N GLN B 188 -18.64 -1.22 -29.85
CA GLN B 188 -17.78 -2.01 -30.79
C GLN B 188 -16.38 -2.02 -30.24
N ILE B 189 -15.85 -3.22 -30.05
CA ILE B 189 -14.50 -3.36 -29.52
C ILE B 189 -13.72 -4.13 -30.59
N THR B 190 -12.60 -3.55 -31.01
CA THR B 190 -11.78 -4.18 -32.07
C THR B 190 -10.41 -4.48 -31.50
N LEU B 191 -9.93 -5.67 -31.83
CA LEU B 191 -8.54 -6.06 -31.55
C LEU B 191 -7.78 -6.23 -32.83
N ARG B 192 -6.54 -5.77 -32.89
CA ARG B 192 -5.77 -5.98 -34.12
C ARG B 192 -4.32 -6.23 -33.70
N ASP B 193 -3.69 -7.19 -34.41
CA ASP B 193 -2.25 -7.50 -34.28
C ASP B 193 -1.54 -6.99 -35.49
N GLU B 194 -0.65 -6.02 -35.32
CA GLU B 194 0.18 -5.46 -36.35
C GLU B 194 1.66 -5.82 -36.18
N ARG B 195 1.97 -6.73 -35.29
CA ARG B 195 3.41 -7.03 -35.13
C ARG B 195 4.03 -7.74 -36.36
N ASP B 196 3.28 -8.55 -37.04
CA ASP B 196 3.77 -9.19 -38.32
C ASP B 196 3.10 -8.34 -39.37
N GLU B 197 3.85 -7.42 -39.91
CA GLU B 197 3.30 -6.40 -40.85
C GLU B 197 2.79 -6.93 -42.13
N GLU B 198 3.31 -8.08 -42.51
CA GLU B 198 2.91 -8.74 -43.71
C GLU B 198 1.61 -9.57 -43.50
N ASN B 199 1.24 -9.84 -42.24
CA ASN B 199 0.18 -10.75 -41.89
C ASN B 199 -0.58 -10.14 -40.68
N VAL B 200 -1.55 -9.24 -40.99
CA VAL B 200 -2.23 -8.45 -39.94
C VAL B 200 -3.57 -9.12 -39.71
N ARG B 201 -3.88 -9.32 -38.42
CA ARG B 201 -5.08 -10.04 -37.95
C ARG B 201 -5.93 -9.11 -37.11
N GLU B 202 -7.24 -9.15 -37.34
CA GLU B 202 -8.15 -8.29 -36.56
C GLU B 202 -9.45 -9.04 -36.30
N ASP B 203 -10.00 -8.81 -35.11
CA ASP B 203 -11.33 -9.29 -34.71
C ASP B 203 -12.07 -8.10 -34.12
N SER B 204 -13.33 -7.93 -34.56
CA SER B 204 -14.13 -6.83 -34.06
C SER B 204 -15.45 -7.41 -33.54
N TYR B 205 -15.80 -6.98 -32.31
CA TYR B 205 -16.95 -7.49 -31.61
C TYR B 205 -17.95 -6.38 -31.38
N HIS B 206 -19.22 -6.67 -31.57
CA HIS B 206 -20.27 -5.60 -31.41
C HIS B 206 -21.58 -6.33 -31.15
N TYR B 207 -21.97 -6.49 -29.89
CA TYR B 207 -23.18 -7.28 -29.59
C TYR B 207 -24.33 -6.30 -29.59
N GLU B 208 -25.44 -6.70 -30.20
CA GLU B 208 -26.60 -5.80 -30.23
C GLU B 208 -27.14 -5.67 -28.82
N GLY B 209 -27.39 -4.42 -28.44
CA GLY B 209 -28.09 -4.05 -27.19
C GLY B 209 -27.82 -2.57 -26.94
#